data_5WXM
#
_entry.id   5WXM
#
_cell.length_a   51.565
_cell.length_b   86.951
_cell.length_c   88.720
_cell.angle_alpha   90.000
_cell.angle_beta   90.000
_cell.angle_gamma   90.000
#
_symmetry.space_group_name_H-M   'P 21 21 21'
#
loop_
_entity.id
_entity.type
_entity.pdbx_description
1 polymer 'U3 small nucleolar ribonucleoprotein protein IMP3'
2 polymer 'U3 small nucleolar RNA-associated protein MPP10'
3 non-polymer 'SULFATE ION'
4 water water
#
loop_
_entity_poly.entity_id
_entity_poly.type
_entity_poly.pdbx_seq_one_letter_code
_entity_poly.pdbx_strand_id
1 'polypeptide(L)'
;SGHRDTQV(MSE)RTYHIQNREDYHKYNRICGDIRRLANKLSLLPPTDPFRRKHEQLLLDKLYA(MSE)GVLTTKSKISD
LENKVTVSAICRRRLPVI(MSE)HRLK(MSE)AETIQDAVKFIEQGHVRVGPNLINDPAYLVTRN(MSE)EDYVTWVDNS
KIKKTLLRYRNQIDDFDFS
;
A,B
2 'polypeptide(L)' GPLQKAHSEISELYANLVYKLDVLSSVHFVPKPA U,V
#
loop_
_chem_comp.id
_chem_comp.type
_chem_comp.name
_chem_comp.formula
SO4 non-polymer 'SULFATE ION' 'O4 S -2'
#
# COMPACT_ATOMS: atom_id res chain seq x y z
N ARG A 4 -11.76 -19.57 -20.21
CA ARG A 4 -11.06 -18.32 -19.92
C ARG A 4 -10.31 -18.44 -18.61
N ASP A 5 -11.08 -18.67 -17.55
CA ASP A 5 -10.53 -18.87 -16.21
C ASP A 5 -9.66 -20.10 -16.13
N THR A 6 -10.23 -21.26 -16.47
CA THR A 6 -9.54 -22.52 -16.29
C THR A 6 -8.21 -22.51 -17.04
N GLN A 7 -8.14 -21.85 -18.19
CA GLN A 7 -6.85 -21.68 -18.84
C GLN A 7 -5.92 -20.81 -18.00
N VAL A 8 -6.39 -19.62 -17.64
CA VAL A 8 -5.58 -18.73 -16.79
C VAL A 8 -5.21 -19.44 -15.50
N MSE A 9 -6.21 -20.02 -14.82
CA MSE A 9 -5.94 -20.77 -13.60
C MSE A 9 -4.97 -21.94 -13.83
O MSE A 9 -4.17 -22.26 -12.95
CB MSE A 9 -7.24 -21.29 -13.00
CG MSE A 9 -8.19 -20.20 -12.55
SE MSE A 9 -9.87 -20.96 -11.88
CE MSE A 9 -9.19 -22.68 -11.19
N ARG A 10 -5.04 -22.55 -15.02
CA ARG A 10 -4.12 -23.65 -15.36
C ARG A 10 -2.70 -23.12 -15.53
N THR A 11 -2.51 -22.07 -16.33
CA THR A 11 -1.14 -21.66 -16.61
C THR A 11 -0.42 -21.08 -15.41
N TYR A 12 -1.15 -20.59 -14.39
CA TYR A 12 -0.50 -20.04 -13.20
C TYR A 12 -0.68 -20.93 -11.97
N HIS A 13 -1.22 -22.14 -12.15
CA HIS A 13 -1.44 -23.11 -11.08
C HIS A 13 -2.19 -22.49 -9.91
N ILE A 14 -3.30 -21.84 -10.25
CA ILE A 14 -4.24 -21.32 -9.26
C ILE A 14 -5.33 -22.36 -9.05
N GLN A 15 -5.55 -22.74 -7.78
CA GLN A 15 -6.54 -23.75 -7.45
C GLN A 15 -7.87 -23.17 -6.96
N ASN A 16 -7.89 -21.95 -6.41
CA ASN A 16 -9.15 -21.30 -6.09
C ASN A 16 -9.75 -20.66 -7.33
N ARG A 17 -10.95 -21.08 -7.69
CA ARG A 17 -11.66 -20.32 -8.72
C ARG A 17 -11.96 -18.90 -8.25
N GLU A 18 -11.97 -18.68 -6.93
CA GLU A 18 -12.30 -17.38 -6.38
C GLU A 18 -11.17 -16.35 -6.54
N ASP A 19 -9.90 -16.80 -6.56
CA ASP A 19 -8.80 -15.88 -6.84
C ASP A 19 -8.99 -15.21 -8.20
N TYR A 20 -9.44 -15.98 -9.18
CA TYR A 20 -9.61 -15.46 -10.53
C TYR A 20 -10.70 -14.40 -10.57
N HIS A 21 -11.78 -14.60 -9.82
CA HIS A 21 -12.88 -13.66 -9.85
C HIS A 21 -12.52 -12.35 -9.14
N LYS A 22 -11.71 -12.40 -8.08
CA LYS A 22 -11.24 -11.16 -7.48
C LYS A 22 -10.39 -10.35 -8.46
N TYR A 23 -9.43 -11.01 -9.14
CA TYR A 23 -8.62 -10.29 -10.10
C TYR A 23 -9.48 -9.73 -11.22
N ASN A 24 -10.50 -10.48 -11.62
CA ASN A 24 -11.34 -10.02 -12.72
C ASN A 24 -12.11 -8.77 -12.30
N ARG A 25 -12.64 -8.75 -11.08
CA ARG A 25 -13.35 -7.58 -10.58
C ARG A 25 -12.43 -6.39 -10.43
N ILE A 26 -11.16 -6.64 -10.10
CA ILE A 26 -10.20 -5.54 -10.01
C ILE A 26 -9.93 -4.94 -11.39
N CYS A 27 -9.80 -5.79 -12.42
CA CYS A 27 -9.69 -5.27 -13.77
C CYS A 27 -10.92 -4.45 -14.14
N GLY A 28 -12.10 -4.92 -13.75
CA GLY A 28 -13.31 -4.16 -14.00
C GLY A 28 -13.33 -2.87 -13.20
N ASP A 29 -12.81 -2.91 -11.97
CA ASP A 29 -12.73 -1.70 -11.16
C ASP A 29 -11.87 -0.65 -11.86
N ILE A 30 -10.71 -1.08 -12.37
CA ILE A 30 -9.77 -0.15 -12.98
C ILE A 30 -10.37 0.44 -14.25
N ARG A 31 -10.95 -0.41 -15.10
CA ARG A 31 -11.69 0.05 -16.26
C ARG A 31 -12.72 1.13 -15.88
N ARG A 32 -13.61 0.82 -14.94
CA ARG A 32 -14.64 1.79 -14.54
C ARG A 32 -14.02 3.08 -14.02
N LEU A 33 -12.95 2.98 -13.24
CA LEU A 33 -12.30 4.18 -12.72
C LEU A 33 -11.69 5.01 -13.84
N ALA A 34 -11.03 4.37 -14.82
CA ALA A 34 -10.51 5.12 -15.96
C ALA A 34 -11.62 5.74 -16.79
N ASN A 35 -12.75 5.08 -16.90
CA ASN A 35 -13.85 5.66 -17.66
C ASN A 35 -14.38 6.92 -16.99
N LYS A 36 -14.53 6.91 -15.67
CA LYS A 36 -15.03 8.08 -14.98
C LYS A 36 -14.03 9.22 -15.05
N LEU A 37 -12.74 8.90 -14.89
CA LEU A 37 -11.70 9.92 -15.03
C LEU A 37 -11.75 10.57 -16.39
N SER A 38 -11.99 9.78 -17.44
CA SER A 38 -12.00 10.33 -18.79
C SER A 38 -13.26 11.16 -19.06
N LEU A 39 -14.30 11.00 -18.26
CA LEU A 39 -15.52 11.78 -18.39
C LEU A 39 -15.47 13.09 -17.60
N LEU A 40 -14.38 13.37 -16.89
CA LEU A 40 -14.27 14.66 -16.23
C LEU A 40 -13.92 15.72 -17.27
N PRO A 41 -14.23 16.97 -17.02
CA PRO A 41 -13.79 18.06 -17.92
C PRO A 41 -12.28 18.03 -18.11
N PRO A 42 -11.80 18.20 -19.35
CA PRO A 42 -10.34 18.18 -19.58
C PRO A 42 -9.64 19.40 -19.00
N THR A 43 -10.38 20.43 -18.63
CA THR A 43 -9.85 21.59 -17.93
C THR A 43 -9.76 21.37 -16.43
N ASP A 44 -10.12 20.18 -15.93
CA ASP A 44 -10.12 19.88 -14.50
C ASP A 44 -8.74 19.34 -14.10
N PRO A 45 -8.00 20.04 -13.24
CA PRO A 45 -6.68 19.51 -12.82
C PRO A 45 -6.78 18.24 -12.00
N PHE A 46 -7.94 17.97 -11.38
CA PHE A 46 -8.18 16.71 -10.68
C PHE A 46 -8.01 15.51 -11.62
N ARG A 47 -8.35 15.67 -12.91
CA ARG A 47 -8.32 14.54 -13.82
C ARG A 47 -6.90 14.09 -14.14
N ARG A 48 -6.04 15.01 -14.56
CA ARG A 48 -4.65 14.63 -14.79
C ARG A 48 -4.05 14.01 -13.53
N LYS A 49 -4.28 14.63 -12.36
CA LYS A 49 -3.63 14.16 -11.15
C LYS A 49 -4.07 12.74 -10.78
N HIS A 50 -5.38 12.46 -10.85
CA HIS A 50 -5.84 11.14 -10.44
C HIS A 50 -5.64 10.09 -11.53
N GLU A 51 -5.56 10.49 -12.81
CA GLU A 51 -5.08 9.56 -13.83
C GLU A 51 -3.64 9.14 -13.54
N GLN A 52 -2.80 10.10 -13.15
CA GLN A 52 -1.41 9.77 -12.83
C GLN A 52 -1.31 8.96 -11.54
N LEU A 53 -2.22 9.18 -10.59
CA LEU A 53 -2.21 8.37 -9.38
C LEU A 53 -2.49 6.91 -9.70
N LEU A 54 -3.45 6.67 -10.61
CA LEU A 54 -3.83 5.31 -10.95
C LEU A 54 -2.72 4.61 -11.73
N LEU A 55 -2.08 5.34 -12.65
CA LEU A 55 -0.95 4.79 -13.41
C LEU A 55 0.20 4.42 -12.48
N ASP A 56 0.66 5.37 -11.68
CA ASP A 56 1.73 5.11 -10.71
C ASP A 56 1.40 3.92 -9.81
N LYS A 57 0.16 3.83 -9.34
CA LYS A 57 -0.22 2.71 -8.50
C LYS A 57 -0.05 1.38 -9.23
N LEU A 58 -0.47 1.33 -10.50
CA LEU A 58 -0.34 0.08 -11.23
C LEU A 58 1.12 -0.22 -11.60
N TYR A 59 1.96 0.81 -11.73
CA TYR A 59 3.40 0.56 -11.82
C TYR A 59 3.91 -0.06 -10.52
N ALA A 60 3.56 0.55 -9.39
CA ALA A 60 4.07 0.09 -8.10
C ALA A 60 3.67 -1.36 -7.81
N MSE A 61 2.55 -1.82 -8.35
CA MSE A 61 2.09 -3.21 -8.20
C MSE A 61 2.76 -4.17 -9.18
O MSE A 61 2.66 -5.39 -9.03
CB MSE A 61 0.58 -3.29 -8.40
CG MSE A 61 -0.23 -2.62 -7.32
SE MSE A 61 -0.04 -3.52 -5.57
CE MSE A 61 -0.45 -5.38 -6.07
N GLY A 62 3.44 -3.62 -10.20
CA GLY A 62 3.97 -4.44 -11.26
C GLY A 62 2.93 -4.93 -12.24
N VAL A 63 1.72 -4.40 -12.15
CA VAL A 63 0.67 -4.79 -13.10
C VAL A 63 0.92 -4.13 -14.46
N LEU A 64 1.46 -2.92 -14.46
CA LEU A 64 1.92 -2.28 -15.67
C LEU A 64 3.44 -2.31 -15.64
N THR A 65 4.03 -3.09 -16.55
CA THR A 65 5.48 -3.19 -16.64
C THR A 65 6.08 -2.22 -17.65
N THR A 66 5.25 -1.50 -18.40
CA THR A 66 5.70 -0.59 -19.43
C THR A 66 4.96 0.73 -19.29
N LYS A 67 5.62 1.81 -19.74
CA LYS A 67 5.04 3.15 -19.66
C LYS A 67 3.70 3.17 -20.39
N SER A 68 2.65 3.58 -19.67
CA SER A 68 1.30 3.49 -20.18
C SER A 68 0.59 4.82 -20.08
N LYS A 69 -0.39 5.01 -20.95
CA LYS A 69 -1.38 6.05 -20.83
C LYS A 69 -2.69 5.41 -20.35
N ILE A 70 -3.65 6.24 -19.98
CA ILE A 70 -4.95 5.72 -19.55
C ILE A 70 -5.56 4.86 -20.65
N SER A 71 -5.43 5.29 -21.92
CA SER A 71 -5.96 4.52 -23.02
C SER A 71 -5.31 3.14 -23.13
N ASP A 72 -4.07 2.99 -22.64
CA ASP A 72 -3.40 1.70 -22.64
C ASP A 72 -4.01 0.69 -21.68
N LEU A 73 -4.90 1.10 -20.78
CA LEU A 73 -5.28 0.23 -19.67
C LEU A 73 -6.14 -0.94 -20.12
N GLU A 74 -6.94 -0.75 -21.18
CA GLU A 74 -7.75 -1.86 -21.66
C GLU A 74 -6.89 -3.02 -22.10
N ASN A 75 -5.86 -2.74 -22.90
CA ASN A 75 -4.95 -3.78 -23.36
C ASN A 75 -4.21 -4.39 -22.19
N LYS A 76 -3.50 -3.56 -21.42
CA LYS A 76 -2.42 -4.08 -20.58
C LYS A 76 -2.91 -4.61 -19.24
N VAL A 77 -4.09 -4.23 -18.77
CA VAL A 77 -4.57 -4.60 -17.45
C VAL A 77 -5.49 -5.80 -17.61
N THR A 78 -4.95 -6.99 -17.38
CA THR A 78 -5.66 -8.25 -17.56
C THR A 78 -5.48 -9.08 -16.30
N VAL A 79 -6.36 -10.07 -16.13
CA VAL A 79 -6.21 -11.01 -15.02
C VAL A 79 -4.80 -11.59 -15.00
N SER A 80 -4.26 -11.89 -16.18
CA SER A 80 -2.93 -12.48 -16.29
C SER A 80 -1.86 -11.55 -15.73
N ALA A 81 -1.95 -10.25 -16.06
CA ALA A 81 -0.94 -9.32 -15.56
C ALA A 81 -0.93 -9.29 -14.03
N ILE A 82 -2.09 -9.52 -13.41
CA ILE A 82 -2.15 -9.64 -11.96
C ILE A 82 -1.60 -10.99 -11.50
N CYS A 83 -1.96 -12.07 -12.20
CA CYS A 83 -1.48 -13.40 -11.83
C CYS A 83 0.04 -13.45 -11.82
N ARG A 84 0.67 -12.79 -12.79
CA ARG A 84 2.13 -12.78 -12.86
C ARG A 84 2.76 -12.13 -11.66
N ARG A 85 1.95 -11.55 -10.77
CA ARG A 85 2.46 -10.96 -9.54
C ARG A 85 2.44 -11.93 -8.38
N ARG A 86 1.73 -13.05 -8.50
CA ARG A 86 1.68 -14.01 -7.40
C ARG A 86 3.06 -14.56 -7.08
N LEU A 87 3.32 -14.75 -5.80
CA LEU A 87 4.63 -15.21 -5.34
C LEU A 87 5.18 -16.46 -6.05
N PRO A 88 4.42 -17.52 -6.30
CA PRO A 88 5.03 -18.68 -6.99
C PRO A 88 5.38 -18.39 -8.44
N VAL A 89 4.60 -17.55 -9.13
CA VAL A 89 4.94 -17.20 -10.50
C VAL A 89 6.20 -16.33 -10.53
N ILE A 90 6.31 -15.42 -9.55
CA ILE A 90 7.51 -14.60 -9.43
C ILE A 90 8.73 -15.46 -9.20
N MSE A 91 8.60 -16.43 -8.29
CA MSE A 91 9.70 -17.28 -7.91
C MSE A 91 10.21 -18.06 -9.12
O MSE A 91 11.40 -18.15 -9.35
CB MSE A 91 9.22 -18.22 -6.82
CG MSE A 91 10.19 -18.55 -5.75
SE MSE A 91 9.10 -19.25 -4.29
CE MSE A 91 8.59 -17.57 -3.70
N HIS A 92 9.26 -18.60 -9.89
CA HIS A 92 9.60 -19.31 -11.13
C HIS A 92 10.34 -18.39 -12.10
N ARG A 93 9.85 -17.16 -12.30
CA ARG A 93 10.52 -16.20 -13.18
C ARG A 93 11.91 -15.84 -12.64
N LEU A 94 12.07 -15.79 -11.31
CA LEU A 94 13.41 -15.52 -10.79
C LEU A 94 14.33 -16.74 -10.86
N LYS A 95 13.79 -17.92 -11.19
CA LYS A 95 14.53 -19.18 -11.34
C LYS A 95 14.79 -19.84 -9.99
N MSE A 96 14.15 -19.36 -8.93
CA MSE A 96 14.27 -19.95 -7.61
C MSE A 96 13.55 -21.30 -7.52
O MSE A 96 13.85 -22.12 -6.66
CB MSE A 96 13.72 -19.01 -6.54
CG MSE A 96 14.46 -17.69 -6.47
SE MSE A 96 13.72 -16.46 -5.14
CE MSE A 96 13.93 -17.58 -3.52
N ALA A 97 12.58 -21.52 -8.40
CA ALA A 97 11.91 -22.81 -8.45
C ALA A 97 11.84 -23.26 -9.91
N GLU A 98 12.01 -24.58 -10.11
CA GLU A 98 11.98 -25.13 -11.46
C GLU A 98 10.63 -24.93 -12.12
N THR A 99 9.56 -25.09 -11.35
CA THR A 99 8.19 -24.95 -11.81
C THR A 99 7.38 -24.13 -10.81
N ILE A 100 6.27 -23.58 -11.29
CA ILE A 100 5.34 -22.89 -10.40
C ILE A 100 4.83 -23.82 -9.32
N GLN A 101 4.58 -25.09 -9.66
CA GLN A 101 4.06 -26.04 -8.66
C GLN A 101 5.07 -26.33 -7.56
N ASP A 102 6.37 -26.40 -7.89
CA ASP A 102 7.37 -26.52 -6.84
C ASP A 102 7.38 -25.29 -5.95
N ALA A 103 7.21 -24.10 -6.54
CA ALA A 103 7.19 -22.87 -5.76
C ALA A 103 5.99 -22.83 -4.82
N VAL A 104 4.84 -23.33 -5.28
CA VAL A 104 3.70 -23.40 -4.37
C VAL A 104 4.06 -24.23 -3.14
N LYS A 105 4.72 -25.38 -3.34
CA LYS A 105 5.09 -26.22 -2.21
C LYS A 105 6.11 -25.54 -1.31
N PHE A 106 7.15 -24.92 -1.89
CA PHE A 106 8.14 -24.20 -1.07
C PHE A 106 7.47 -23.13 -0.24
N ILE A 107 6.53 -22.38 -0.82
CA ILE A 107 5.84 -21.32 -0.09
C ILE A 107 5.01 -21.92 1.02
N GLU A 108 4.21 -22.93 0.70
CA GLU A 108 3.29 -23.51 1.67
C GLU A 108 4.01 -24.10 2.86
N GLN A 109 5.21 -24.63 2.66
CA GLN A 109 5.94 -25.29 3.74
C GLN A 109 6.81 -24.34 4.53
N GLY A 110 6.76 -23.04 4.25
CA GLY A 110 7.48 -22.08 5.07
C GLY A 110 8.92 -21.82 4.70
N HIS A 111 9.32 -22.06 3.46
CA HIS A 111 10.73 -21.88 3.09
C HIS A 111 11.04 -20.51 2.52
N VAL A 112 10.04 -19.64 2.39
CA VAL A 112 10.14 -18.44 1.57
C VAL A 112 9.79 -17.19 2.36
N ARG A 113 10.59 -16.15 2.15
CA ARG A 113 10.47 -14.88 2.84
C ARG A 113 10.44 -13.79 1.77
N VAL A 114 9.54 -12.82 1.94
CA VAL A 114 9.53 -11.61 1.12
C VAL A 114 9.74 -10.43 2.06
N GLY A 115 10.71 -9.58 1.75
CA GLY A 115 11.19 -8.61 2.71
C GLY A 115 11.50 -9.30 4.02
N PRO A 116 11.02 -8.75 5.14
CA PRO A 116 11.29 -9.39 6.44
C PRO A 116 10.32 -10.50 6.81
N ASN A 117 9.30 -10.78 6.00
CA ASN A 117 8.17 -11.60 6.42
C ASN A 117 8.19 -12.98 5.77
N LEU A 118 8.02 -14.00 6.60
CA LEU A 118 7.68 -15.32 6.09
C LEU A 118 6.32 -15.27 5.41
N ILE A 119 6.26 -15.68 4.15
CA ILE A 119 5.02 -15.76 3.39
C ILE A 119 4.74 -17.22 3.09
N ASN A 120 3.62 -17.74 3.59
CA ASN A 120 3.20 -19.08 3.21
C ASN A 120 1.88 -19.10 2.45
N ASP A 121 1.49 -17.98 1.86
CA ASP A 121 0.27 -17.94 1.06
C ASP A 121 0.65 -17.73 -0.40
N PRO A 122 0.43 -18.73 -1.27
CA PRO A 122 0.83 -18.58 -2.69
C PRO A 122 0.06 -17.50 -3.43
N ALA A 123 -0.99 -16.91 -2.85
CA ALA A 123 -1.73 -15.81 -3.47
C ALA A 123 -1.17 -14.44 -3.12
N TYR A 124 -0.19 -14.39 -2.23
CA TYR A 124 0.51 -13.15 -1.93
C TYR A 124 1.05 -12.54 -3.22
N LEU A 125 0.71 -11.27 -3.46
CA LEU A 125 1.16 -10.56 -4.63
C LEU A 125 2.43 -9.80 -4.28
N VAL A 126 3.44 -9.91 -5.13
CA VAL A 126 4.73 -9.27 -4.90
C VAL A 126 4.70 -7.93 -5.63
N THR A 127 4.78 -6.83 -4.88
CA THR A 127 4.88 -5.53 -5.53
C THR A 127 6.26 -5.34 -6.14
N ARG A 128 6.40 -4.23 -6.85
CA ARG A 128 7.67 -3.94 -7.47
C ARG A 128 8.74 -3.64 -6.42
N ASN A 129 8.36 -3.04 -5.29
CA ASN A 129 9.34 -2.77 -4.24
C ASN A 129 9.89 -4.05 -3.65
N MSE A 130 9.11 -5.11 -3.67
CA MSE A 130 9.42 -6.31 -2.94
C MSE A 130 10.07 -7.37 -3.84
O MSE A 130 10.64 -8.34 -3.33
CB MSE A 130 8.14 -6.86 -2.30
CG MSE A 130 7.72 -6.08 -1.04
SE MSE A 130 9.10 -6.13 0.39
CE MSE A 130 8.11 -7.21 1.69
N GLU A 131 10.00 -7.16 -5.15
CA GLU A 131 10.37 -8.26 -6.04
C GLU A 131 11.87 -8.59 -5.99
N ASP A 132 12.72 -7.65 -5.55
CA ASP A 132 14.12 -7.98 -5.30
C ASP A 132 14.38 -8.59 -3.94
N TYR A 133 13.36 -8.82 -3.11
CA TYR A 133 13.64 -9.24 -1.73
C TYR A 133 12.94 -10.55 -1.40
N VAL A 134 12.83 -11.44 -2.37
CA VAL A 134 12.37 -12.81 -2.15
C VAL A 134 13.57 -13.67 -1.78
N THR A 135 13.55 -14.26 -0.58
CA THR A 135 14.70 -15.01 -0.09
C THR A 135 14.26 -16.34 0.50
N TRP A 136 15.22 -17.25 0.66
CA TRP A 136 14.99 -18.48 1.39
C TRP A 136 15.15 -18.24 2.88
N VAL A 137 14.32 -18.91 3.70
CA VAL A 137 14.55 -18.81 5.14
C VAL A 137 15.85 -19.52 5.53
N ASP A 138 16.22 -20.57 4.81
CA ASP A 138 17.43 -21.33 5.14
C ASP A 138 18.68 -20.49 4.88
N GLY B 1 -21.11 21.04 -5.64
CA GLY B 1 -22.10 20.58 -6.60
C GLY B 1 -21.52 19.52 -7.54
N PRO B 2 -22.02 19.50 -8.78
CA PRO B 2 -21.77 18.35 -9.67
C PRO B 2 -20.30 17.97 -9.83
N LEU B 3 -19.41 18.94 -9.87
CA LEU B 3 -17.99 18.61 -10.01
C LEU B 3 -17.45 17.95 -8.74
N GLN B 4 -17.80 18.48 -7.56
CA GLN B 4 -17.39 17.87 -6.30
C GLN B 4 -17.93 16.46 -6.16
N LYS B 5 -19.18 16.24 -6.59
CA LYS B 5 -19.74 14.89 -6.50
C LYS B 5 -19.01 13.94 -7.45
N ALA B 6 -18.68 14.41 -8.66
CA ALA B 6 -17.89 13.61 -9.59
C ALA B 6 -16.53 13.26 -8.98
N HIS B 7 -15.87 14.24 -8.35
CA HIS B 7 -14.59 14.01 -7.68
C HIS B 7 -14.72 13.02 -6.51
N SER B 8 -15.73 13.19 -5.66
CA SER B 8 -15.89 12.28 -4.53
C SER B 8 -16.11 10.85 -4.99
N GLU B 9 -16.87 10.66 -6.06
CA GLU B 9 -17.09 9.31 -6.57
C GLU B 9 -15.79 8.68 -7.04
N ILE B 10 -14.94 9.45 -7.73
CA ILE B 10 -13.66 8.92 -8.16
C ILE B 10 -12.76 8.63 -6.96
N SER B 11 -12.78 9.48 -5.93
CA SER B 11 -11.91 9.24 -4.78
C SER B 11 -12.29 7.97 -4.04
N GLU B 12 -13.59 7.70 -3.92
CA GLU B 12 -14.02 6.49 -3.22
C GLU B 12 -13.64 5.25 -4.02
N LEU B 13 -13.79 5.29 -5.35
CA LEU B 13 -13.45 4.14 -6.17
C LEU B 13 -11.94 3.87 -6.16
N TYR B 14 -11.13 4.93 -6.23
CA TYR B 14 -9.69 4.72 -6.21
C TYR B 14 -9.20 4.24 -4.85
N ALA B 15 -9.73 4.82 -3.77
CA ALA B 15 -9.39 4.34 -2.43
C ALA B 15 -9.78 2.89 -2.26
N ASN B 16 -10.95 2.50 -2.76
CA ASN B 16 -11.34 1.10 -2.67
C ASN B 16 -10.39 0.23 -3.46
N LEU B 17 -9.89 0.72 -4.61
CA LEU B 17 -8.94 -0.06 -5.39
C LEU B 17 -7.63 -0.22 -4.63
N VAL B 18 -7.13 0.87 -4.05
CA VAL B 18 -5.93 0.81 -3.24
C VAL B 18 -6.11 -0.21 -2.11
N TYR B 19 -7.28 -0.19 -1.48
CA TYR B 19 -7.57 -1.11 -0.39
C TYR B 19 -7.54 -2.57 -0.87
N LYS B 20 -8.18 -2.84 -2.01
CA LYS B 20 -8.23 -4.21 -2.51
C LYS B 20 -6.84 -4.76 -2.85
N LEU B 21 -5.99 -3.96 -3.50
CA LEU B 21 -4.65 -4.42 -3.82
C LEU B 21 -3.81 -4.58 -2.57
N ASP B 22 -4.00 -3.68 -1.59
CA ASP B 22 -3.23 -3.73 -0.35
C ASP B 22 -3.47 -5.03 0.41
N VAL B 23 -4.73 -5.49 0.48
CA VAL B 23 -5.04 -6.76 1.15
C VAL B 23 -4.35 -7.95 0.46
N LEU B 24 -4.16 -7.88 -0.86
CA LEU B 24 -3.56 -8.99 -1.60
C LEU B 24 -2.04 -9.06 -1.48
N SER B 25 -1.38 -7.96 -1.11
CA SER B 25 0.07 -7.91 -1.02
C SER B 25 0.53 -7.62 0.40
N SER B 26 -0.17 -8.15 1.39
CA SER B 26 0.18 -7.90 2.78
C SER B 26 -0.07 -9.18 3.56
N VAL B 27 0.59 -9.30 4.71
CA VAL B 27 0.54 -10.53 5.51
C VAL B 27 -0.41 -10.39 6.72
N ARG C 4 1.58 23.03 19.39
CA ARG C 4 2.02 21.64 19.20
C ARG C 4 2.70 21.47 17.85
N ASP C 5 2.11 22.12 16.84
CA ASP C 5 2.65 22.05 15.48
C ASP C 5 4.11 22.49 15.45
N THR C 6 4.41 23.63 16.07
CA THR C 6 5.76 24.17 16.00
C THR C 6 6.77 23.22 16.66
N GLN C 7 6.37 22.55 17.75
CA GLN C 7 7.32 21.72 18.47
C GLN C 7 7.57 20.38 17.76
N VAL C 8 6.53 19.80 17.16
CA VAL C 8 6.74 18.55 16.42
C VAL C 8 7.67 18.79 15.25
N MSE C 9 7.45 19.89 14.53
CA MSE C 9 8.31 20.29 13.41
C MSE C 9 9.75 20.48 13.83
O MSE C 9 10.67 20.16 13.09
CB MSE C 9 7.79 21.56 12.76
CG MSE C 9 6.42 21.43 12.11
SE MSE C 9 5.68 23.14 11.47
CE MSE C 9 7.32 24.07 10.96
N ARG C 10 9.96 21.04 15.02
CA ARG C 10 11.32 21.29 15.47
C ARG C 10 12.02 19.99 15.86
N THR C 11 11.35 19.17 16.65
CA THR C 11 11.93 17.88 17.03
C THR C 11 12.36 17.06 15.81
N TYR C 12 11.57 17.10 14.73
CA TYR C 12 11.77 16.21 13.59
C TYR C 12 12.16 16.95 12.33
N HIS C 13 12.47 18.25 12.43
CA HIS C 13 13.04 19.03 11.35
C HIS C 13 12.18 18.93 10.08
N ILE C 14 10.89 19.14 10.29
CA ILE C 14 9.91 19.27 9.21
C ILE C 14 9.79 20.75 8.86
N GLN C 15 9.92 21.06 7.58
CA GLN C 15 9.96 22.46 7.17
C GLN C 15 8.62 23.02 6.65
N ASN C 16 7.63 22.17 6.39
CA ASN C 16 6.31 22.73 6.12
C ASN C 16 5.42 22.56 7.34
N ARG C 17 4.40 23.43 7.44
CA ARG C 17 3.41 23.27 8.49
C ARG C 17 2.39 22.20 8.17
N GLU C 18 2.31 21.75 6.92
CA GLU C 18 1.19 20.93 6.49
C GLU C 18 1.36 19.44 6.77
N ASP C 19 2.60 18.93 6.76
CA ASP C 19 2.82 17.54 7.10
C ASP C 19 2.25 17.24 8.47
N TYR C 20 2.43 18.16 9.43
CA TYR C 20 1.87 17.98 10.76
C TYR C 20 0.35 17.80 10.71
N HIS C 21 -0.33 18.59 9.89
CA HIS C 21 -1.78 18.48 9.86
C HIS C 21 -2.23 17.23 9.11
N LYS C 22 -1.50 16.84 8.06
CA LYS C 22 -1.77 15.55 7.42
C LYS C 22 -1.68 14.41 8.43
N TYR C 23 -0.64 14.42 9.26
CA TYR C 23 -0.48 13.33 10.23
C TYR C 23 -1.56 13.41 11.30
N ASN C 24 -1.92 14.63 11.71
CA ASN C 24 -2.91 14.83 12.75
C ASN C 24 -4.29 14.36 12.29
N ARG C 25 -4.68 14.70 11.06
CA ARG C 25 -5.94 14.21 10.51
C ARG C 25 -5.94 12.69 10.42
N ILE C 26 -4.79 12.11 10.06
CA ILE C 26 -4.69 10.66 9.96
C ILE C 26 -4.89 10.02 11.33
N CYS C 27 -4.31 10.63 12.37
CA CYS C 27 -4.52 10.15 13.74
C CYS C 27 -5.98 10.23 14.14
N GLY C 28 -6.67 11.27 13.66
CA GLY C 28 -8.07 11.41 13.97
C GLY C 28 -8.92 10.46 13.15
N ASP C 29 -8.49 10.16 11.92
CA ASP C 29 -9.16 9.13 11.13
C ASP C 29 -9.10 7.79 11.87
N ILE C 30 -7.94 7.48 12.44
CA ILE C 30 -7.77 6.19 13.11
C ILE C 30 -8.61 6.12 14.37
N ARG C 31 -8.67 7.22 15.12
CA ARG C 31 -9.50 7.23 16.32
C ARG C 31 -10.98 7.11 15.96
N ARG C 32 -11.45 7.90 14.98
CA ARG C 32 -12.86 7.82 14.60
C ARG C 32 -13.21 6.43 14.09
N LEU C 33 -12.27 5.80 13.38
CA LEU C 33 -12.54 4.48 12.84
C LEU C 33 -12.64 3.45 13.95
N ALA C 34 -11.77 3.58 14.97
CA ALA C 34 -11.77 2.64 16.09
C ALA C 34 -12.98 2.82 16.98
N ASN C 35 -13.42 4.06 17.16
CA ASN C 35 -14.65 4.30 17.90
C ASN C 35 -15.85 3.66 17.19
N LYS C 36 -15.94 3.84 15.87
CA LYS C 36 -17.10 3.34 15.14
C LYS C 36 -17.11 1.82 15.10
N LEU C 37 -15.93 1.19 15.01
CA LEU C 37 -15.83 -0.27 15.06
C LEU C 37 -16.33 -0.79 16.40
N SER C 38 -16.00 -0.08 17.49
CA SER C 38 -16.42 -0.51 18.82
C SER C 38 -17.93 -0.43 19.01
N LEU C 39 -18.65 0.26 18.14
CA LEU C 39 -20.09 0.35 18.25
C LEU C 39 -20.84 -0.77 17.53
N LEU C 40 -20.16 -1.53 16.67
CA LEU C 40 -20.72 -2.77 16.16
C LEU C 40 -20.81 -3.80 17.28
N PRO C 41 -21.69 -4.80 17.16
CA PRO C 41 -21.79 -5.84 18.19
C PRO C 41 -20.46 -6.57 18.34
N PRO C 42 -20.09 -6.99 19.56
CA PRO C 42 -18.80 -7.66 19.75
C PRO C 42 -18.66 -8.94 18.93
N THR C 43 -19.77 -9.62 18.64
CA THR C 43 -19.78 -10.88 17.89
C THR C 43 -19.82 -10.68 16.39
N ASP C 44 -19.87 -9.44 15.91
CA ASP C 44 -19.96 -9.17 14.49
C ASP C 44 -18.64 -9.50 13.78
N PRO C 45 -18.60 -10.53 12.92
CA PRO C 45 -17.33 -10.86 12.24
C PRO C 45 -16.73 -9.71 11.45
N PHE C 46 -17.57 -8.83 10.86
CA PHE C 46 -17.06 -7.65 10.18
C PHE C 46 -16.21 -6.78 11.11
N ARG C 47 -16.65 -6.63 12.36
CA ARG C 47 -15.91 -5.79 13.29
C ARG C 47 -14.55 -6.40 13.56
N ARG C 48 -14.54 -7.69 13.89
CA ARG C 48 -13.31 -8.43 14.12
C ARG C 48 -12.37 -8.35 12.92
N LYS C 49 -12.90 -8.60 11.72
CA LYS C 49 -12.05 -8.51 10.53
C LYS C 49 -11.45 -7.12 10.39
N HIS C 50 -12.26 -6.06 10.56
CA HIS C 50 -11.77 -4.72 10.26
C HIS C 50 -10.88 -4.17 11.37
N GLU C 51 -11.11 -4.59 12.61
CA GLU C 51 -10.15 -4.27 13.68
C GLU C 51 -8.80 -4.91 13.41
N GLN C 52 -8.80 -6.16 12.96
CA GLN C 52 -7.54 -6.83 12.66
C GLN C 52 -6.83 -6.16 11.50
N LEU C 53 -7.58 -5.89 10.41
CA LEU C 53 -6.99 -5.19 9.27
C LEU C 53 -6.37 -3.86 9.70
N LEU C 54 -7.08 -3.12 10.56
CA LEU C 54 -6.57 -1.82 10.99
C LEU C 54 -5.29 -1.98 11.81
N LEU C 55 -5.29 -2.92 12.74
CA LEU C 55 -4.09 -3.20 13.53
C LEU C 55 -2.93 -3.63 12.62
N ASP C 56 -3.21 -4.53 11.68
CA ASP C 56 -2.18 -5.03 10.77
C ASP C 56 -1.61 -3.90 9.91
N LYS C 57 -2.45 -2.95 9.51
CA LYS C 57 -1.98 -1.86 8.69
C LYS C 57 -1.03 -0.96 9.47
N LEU C 58 -1.36 -0.68 10.73
CA LEU C 58 -0.53 0.20 11.53
C LEU C 58 0.76 -0.48 11.94
N TYR C 59 0.74 -1.82 12.08
CA TYR C 59 1.98 -2.56 12.23
C TYR C 59 2.82 -2.43 10.98
N ALA C 60 2.22 -2.70 9.81
CA ALA C 60 2.96 -2.68 8.55
C ALA C 60 3.55 -1.30 8.28
N MSE C 61 2.89 -0.24 8.74
CA MSE C 61 3.43 1.11 8.60
C MSE C 61 4.56 1.39 9.61
O MSE C 61 5.32 2.33 9.44
CB MSE C 61 2.33 2.16 8.80
CG MSE C 61 1.28 2.22 7.69
SE MSE C 61 2.03 2.77 5.94
CE MSE C 61 2.84 4.47 6.49
N GLY C 62 4.66 0.56 10.65
CA GLY C 62 5.56 0.84 11.73
C GLY C 62 5.07 1.89 12.68
N VAL C 63 3.90 2.47 12.39
CA VAL C 63 3.23 3.41 13.30
C VAL C 63 3.06 2.79 14.67
N LEU C 64 2.65 1.52 14.69
CA LEU C 64 2.61 0.73 15.91
C LEU C 64 3.84 -0.16 15.89
N THR C 65 4.68 -0.02 16.90
CA THR C 65 5.88 -0.82 17.01
C THR C 65 5.71 -2.04 17.90
N THR C 66 4.63 -2.11 18.68
CA THR C 66 4.43 -3.21 19.63
C THR C 66 3.03 -3.80 19.45
N LYS C 67 2.90 -5.10 19.77
CA LYS C 67 1.61 -5.77 19.73
C LYS C 67 0.58 -5.00 20.56
N SER C 68 -0.53 -4.64 19.91
CA SER C 68 -1.48 -3.75 20.53
C SER C 68 -2.89 -4.26 20.25
N LYS C 69 -3.86 -3.63 20.90
CA LYS C 69 -5.27 -3.82 20.64
C LYS C 69 -5.87 -2.45 20.32
N ILE C 70 -7.14 -2.47 19.91
CA ILE C 70 -7.81 -1.24 19.52
C ILE C 70 -7.84 -0.24 20.67
N SER C 71 -7.98 -0.72 21.91
CA SER C 71 -7.99 0.17 23.07
C SER C 71 -6.65 0.87 23.25
N ASP C 72 -5.55 0.28 22.76
CA ASP C 72 -4.26 0.94 22.78
C ASP C 72 -4.13 2.05 21.75
N LEU C 73 -4.99 2.10 20.74
CA LEU C 73 -4.77 3.02 19.64
C LEU C 73 -4.77 4.47 20.12
N GLU C 74 -5.64 4.79 21.08
CA GLU C 74 -5.76 6.14 21.62
C GLU C 74 -4.40 6.71 22.01
N ASN C 75 -3.59 5.90 22.69
CA ASN C 75 -2.29 6.36 23.15
C ASN C 75 -1.22 6.21 22.08
N LYS C 76 -1.08 5.02 21.50
CA LYS C 76 0.08 4.71 20.69
C LYS C 76 0.07 5.39 19.32
N VAL C 77 -1.05 5.93 18.86
CA VAL C 77 -1.10 6.48 17.51
C VAL C 77 -1.07 8.02 17.58
N THR C 78 0.14 8.58 17.53
CA THR C 78 0.37 10.01 17.68
C THR C 78 0.95 10.57 16.39
N VAL C 79 0.91 11.89 16.28
CA VAL C 79 1.65 12.54 15.21
C VAL C 79 3.11 12.11 15.24
N SER C 80 3.71 12.08 16.43
CA SER C 80 5.13 11.75 16.53
C SER C 80 5.40 10.32 16.08
N ALA C 81 4.49 9.38 16.37
CA ALA C 81 4.69 8.00 15.92
C ALA C 81 4.72 7.93 14.39
N ILE C 82 3.99 8.83 13.72
CA ILE C 82 4.09 8.92 12.27
C ILE C 82 5.39 9.59 11.87
N CYS C 83 5.71 10.72 12.51
CA CYS C 83 6.95 11.44 12.23
C CYS C 83 8.17 10.54 12.31
N ARG C 84 8.16 9.57 13.22
CA ARG C 84 9.29 8.65 13.40
C ARG C 84 9.51 7.75 12.19
N ARG C 85 8.59 7.74 11.26
CA ARG C 85 8.66 6.93 10.06
C ARG C 85 9.27 7.69 8.88
N ARG C 86 9.39 9.01 8.99
CA ARG C 86 10.03 9.79 7.95
C ARG C 86 11.46 9.34 7.76
N LEU C 87 11.90 9.23 6.49
CA LEU C 87 13.24 8.75 6.16
C LEU C 87 14.36 9.39 6.97
N PRO C 88 14.42 10.73 7.15
CA PRO C 88 15.50 11.30 7.98
C PRO C 88 15.53 10.81 9.40
N VAL C 89 14.37 10.68 10.03
CA VAL C 89 14.30 10.21 11.41
C VAL C 89 14.73 8.76 11.48
N ILE C 90 14.31 7.96 10.49
CA ILE C 90 14.68 6.54 10.43
C ILE C 90 16.19 6.40 10.28
N MSE C 91 16.79 7.17 9.39
CA MSE C 91 18.23 7.14 9.23
C MSE C 91 18.95 7.48 10.51
O MSE C 91 19.94 6.84 10.87
CB MSE C 91 18.66 8.10 8.14
CG MSE C 91 18.79 7.47 6.79
SE MSE C 91 18.99 8.89 5.47
CE MSE C 91 20.86 9.17 5.72
N HIS C 92 18.46 8.51 11.22
CA HIS C 92 19.10 8.92 12.47
C HIS C 92 19.02 7.79 13.49
N ARG C 93 17.85 7.16 13.60
CA ARG C 93 17.67 6.04 14.52
C ARG C 93 18.54 4.85 14.12
N LEU C 94 18.74 4.64 12.82
CA LEU C 94 19.66 3.60 12.36
C LEU C 94 21.12 3.99 12.52
N LYS C 95 21.41 5.23 12.94
CA LYS C 95 22.78 5.76 13.11
C LYS C 95 23.47 6.05 11.78
N MSE C 96 22.73 6.11 10.68
CA MSE C 96 23.32 6.37 9.38
C MSE C 96 23.68 7.84 9.22
O MSE C 96 24.52 8.21 8.37
CB MSE C 96 22.37 5.93 8.27
CG MSE C 96 22.30 4.43 8.07
SE MSE C 96 20.98 3.89 6.72
CE MSE C 96 21.87 4.50 5.06
N ALA C 97 23.05 8.68 10.03
CA ALA C 97 23.35 10.11 10.08
C ALA C 97 23.53 10.51 11.53
N GLU C 98 24.46 11.43 11.79
CA GLU C 98 24.63 11.90 13.15
C GLU C 98 23.43 12.72 13.62
N THR C 99 22.82 13.50 12.72
CA THR C 99 21.64 14.28 13.05
C THR C 99 20.58 14.07 11.98
N ILE C 100 19.34 14.40 12.34
CA ILE C 100 18.25 14.43 11.35
C ILE C 100 18.58 15.41 10.25
N GLN C 101 19.09 16.59 10.60
CA GLN C 101 19.46 17.57 9.59
C GLN C 101 20.50 17.01 8.61
N ASP C 102 21.49 16.27 9.12
CA ASP C 102 22.43 15.60 8.21
C ASP C 102 21.70 14.65 7.27
N ALA C 103 20.81 13.83 7.82
CA ALA C 103 20.02 12.90 7.01
C ALA C 103 19.23 13.65 5.95
N VAL C 104 18.58 14.74 6.33
CA VAL C 104 17.85 15.54 5.34
C VAL C 104 18.75 15.90 4.17
N LYS C 105 20.00 16.31 4.44
CA LYS C 105 20.90 16.67 3.36
C LYS C 105 21.29 15.47 2.52
N PHE C 106 21.74 14.37 3.14
CA PHE C 106 22.05 13.15 2.40
C PHE C 106 20.89 12.79 1.48
N ILE C 107 19.67 12.87 2.00
CA ILE C 107 18.49 12.50 1.24
C ILE C 107 18.30 13.44 0.06
N GLU C 108 18.25 14.74 0.33
CA GLU C 108 17.94 15.70 -0.72
C GLU C 108 19.03 15.76 -1.77
N GLN C 109 20.26 15.38 -1.43
CA GLN C 109 21.36 15.39 -2.38
C GLN C 109 21.48 14.08 -3.15
N GLY C 110 20.58 13.13 -2.93
CA GLY C 110 20.59 11.92 -3.74
C GLY C 110 21.52 10.82 -3.29
N HIS C 111 21.85 10.77 -1.99
CA HIS C 111 22.77 9.75 -1.49
C HIS C 111 22.04 8.52 -0.93
N VAL C 112 20.71 8.49 -0.91
CA VAL C 112 19.98 7.49 -0.13
C VAL C 112 19.01 6.73 -1.02
N ARG C 113 18.97 5.41 -0.86
CA ARG C 113 18.05 4.52 -1.54
C ARG C 113 17.21 3.76 -0.52
N VAL C 114 15.93 3.57 -0.81
CA VAL C 114 15.05 2.75 0.02
C VAL C 114 14.50 1.63 -0.85
N GLY C 115 14.81 0.38 -0.51
CA GLY C 115 14.55 -0.71 -1.41
C GLY C 115 15.23 -0.43 -2.74
N PRO C 116 14.48 -0.52 -3.85
CA PRO C 116 15.06 -0.21 -5.16
C PRO C 116 15.09 1.25 -5.58
N ASN C 117 14.48 2.17 -4.82
CA ASN C 117 14.23 3.53 -5.30
C ASN C 117 15.15 4.56 -4.66
N LEU C 118 15.68 5.44 -5.49
CA LEU C 118 16.30 6.67 -4.99
C LEU C 118 15.22 7.56 -4.39
N ILE C 119 15.38 7.96 -3.14
CA ILE C 119 14.41 8.81 -2.46
C ILE C 119 15.09 10.12 -2.13
N ASN C 120 14.52 11.22 -2.62
CA ASN C 120 15.09 12.53 -2.36
C ASN C 120 14.15 13.41 -1.56
N ASP C 121 13.02 12.88 -1.12
CA ASP C 121 12.02 13.65 -0.38
C ASP C 121 12.08 13.27 1.08
N PRO C 122 12.43 14.19 1.98
CA PRO C 122 12.51 13.83 3.41
C PRO C 122 11.16 13.52 4.04
N ALA C 123 10.05 13.73 3.34
CA ALA C 123 8.73 13.41 3.89
C ALA C 123 8.31 11.97 3.60
N TYR C 124 9.08 11.24 2.81
CA TYR C 124 8.80 9.84 2.52
C TYR C 124 8.74 9.02 3.80
N LEU C 125 7.69 8.21 3.94
CA LEU C 125 7.53 7.36 5.12
C LEU C 125 8.06 5.96 4.80
N VAL C 126 8.86 5.42 5.71
CA VAL C 126 9.47 4.11 5.54
C VAL C 126 8.55 3.07 6.20
N THR C 127 7.95 2.20 5.39
CA THR C 127 7.17 1.14 6.02
C THR C 127 8.08 0.13 6.69
N ARG C 128 7.47 -0.71 7.52
CA ARG C 128 8.18 -1.80 8.15
C ARG C 128 8.89 -2.68 7.12
N ASN C 129 8.20 -3.01 6.02
CA ASN C 129 8.81 -3.79 4.94
C ASN C 129 10.11 -3.17 4.44
N MSE C 130 10.16 -1.84 4.34
CA MSE C 130 11.29 -1.14 3.73
C MSE C 130 12.44 -0.81 4.70
O MSE C 130 13.55 -0.48 4.24
CB MSE C 130 10.81 0.15 3.11
CG MSE C 130 9.98 -0.05 1.84
SE MSE C 130 11.00 -0.91 0.37
CE MSE C 130 11.00 0.57 -0.90
N GLU C 131 12.21 -0.90 6.01
CA GLU C 131 13.15 -0.27 6.95
C GLU C 131 14.48 -1.00 7.01
N ASP C 132 14.54 -2.28 6.64
CA ASP C 132 15.79 -3.01 6.56
C ASP C 132 16.58 -2.72 5.28
N TYR C 133 16.08 -1.85 4.40
CA TYR C 133 16.61 -1.70 3.06
C TYR C 133 16.87 -0.24 2.71
N VAL C 134 17.28 0.54 3.70
CA VAL C 134 17.80 1.87 3.49
C VAL C 134 19.30 1.74 3.27
N THR C 135 19.78 2.12 2.07
CA THR C 135 21.17 1.94 1.72
C THR C 135 21.76 3.21 1.12
N TRP C 136 23.08 3.33 1.21
CA TRP C 136 23.82 4.40 0.57
C TRP C 136 23.90 4.18 -0.93
N VAL C 137 23.93 5.27 -1.67
CA VAL C 137 24.04 5.21 -3.13
C VAL C 137 25.50 5.21 -3.59
N GLY D 1 -29.08 -5.44 5.69
CA GLY D 1 -29.67 -5.55 7.00
C GLY D 1 -29.45 -4.30 7.83
N PRO D 2 -29.79 -4.37 9.12
CA PRO D 2 -29.65 -3.19 9.98
C PRO D 2 -28.21 -2.71 10.21
N LEU D 3 -27.18 -3.53 9.98
CA LEU D 3 -25.82 -3.05 10.15
C LEU D 3 -25.22 -2.53 8.85
N GLN D 4 -25.97 -2.56 7.75
CA GLN D 4 -25.39 -2.24 6.45
C GLN D 4 -24.84 -0.82 6.40
N LYS D 5 -25.58 0.15 6.92
CA LYS D 5 -25.09 1.53 6.86
C LYS D 5 -23.80 1.70 7.67
N ALA D 6 -23.73 1.13 8.88
CA ALA D 6 -22.54 1.26 9.70
C ALA D 6 -21.36 0.48 9.12
N HIS D 7 -21.62 -0.68 8.51
CA HIS D 7 -20.56 -1.43 7.82
C HIS D 7 -20.02 -0.65 6.63
N SER D 8 -20.92 -0.09 5.83
CA SER D 8 -20.50 0.56 4.61
C SER D 8 -19.70 1.82 4.92
N GLU D 9 -20.00 2.49 6.03
CA GLU D 9 -19.19 3.64 6.44
C GLU D 9 -17.78 3.21 6.83
N ILE D 10 -17.68 2.17 7.66
CA ILE D 10 -16.37 1.69 8.07
C ILE D 10 -15.54 1.28 6.86
N SER D 11 -16.14 0.55 5.93
CA SER D 11 -15.45 0.19 4.70
C SER D 11 -14.87 1.41 4.02
N GLU D 12 -15.66 2.48 3.94
CA GLU D 12 -15.20 3.66 3.21
C GLU D 12 -14.14 4.40 4.00
N LEU D 13 -14.29 4.47 5.32
CA LEU D 13 -13.32 5.19 6.13
C LEU D 13 -11.97 4.48 6.12
N TYR D 14 -12.00 3.14 6.10
CA TYR D 14 -10.74 2.39 6.09
C TYR D 14 -10.05 2.48 4.75
N ALA D 15 -10.79 2.30 3.64
CA ALA D 15 -10.16 2.46 2.34
C ALA D 15 -9.57 3.85 2.18
N ASN D 16 -10.16 4.86 2.80
CA ASN D 16 -9.58 6.20 2.72
C ASN D 16 -8.29 6.28 3.53
N LEU D 17 -8.26 5.63 4.70
CA LEU D 17 -7.03 5.62 5.49
C LEU D 17 -5.89 4.93 4.73
N VAL D 18 -6.18 3.77 4.12
CA VAL D 18 -5.19 3.04 3.35
C VAL D 18 -4.63 3.89 2.22
N TYR D 19 -5.50 4.63 1.55
CA TYR D 19 -5.07 5.54 0.50
C TYR D 19 -4.19 6.66 1.04
N LYS D 20 -4.56 7.23 2.20
CA LYS D 20 -3.78 8.32 2.78
C LYS D 20 -2.37 7.87 3.14
N LEU D 21 -2.26 6.71 3.80
CA LEU D 21 -0.95 6.18 4.13
C LEU D 21 -0.16 5.84 2.87
N ASP D 22 -0.82 5.22 1.88
CA ASP D 22 -0.14 4.82 0.64
C ASP D 22 0.54 6.00 -0.03
N VAL D 23 -0.10 7.16 0.00
CA VAL D 23 0.44 8.32 -0.71
C VAL D 23 1.72 8.82 -0.04
N LEU D 24 1.76 8.78 1.29
CA LEU D 24 2.94 9.24 2.01
C LEU D 24 4.15 8.34 1.80
N SER D 25 3.98 7.09 1.39
CA SER D 25 5.10 6.19 1.18
C SER D 25 5.29 5.87 -0.31
N SER D 26 5.06 6.84 -1.18
CA SER D 26 5.03 6.61 -2.61
C SER D 26 6.21 7.27 -3.30
N VAL D 27 6.62 6.67 -4.42
CA VAL D 27 7.74 7.14 -5.21
C VAL D 27 7.23 7.50 -6.60
N HIS D 28 8.11 8.06 -7.41
CA HIS D 28 7.81 8.38 -8.80
C HIS D 28 8.62 7.40 -9.66
N PHE D 29 7.95 6.34 -10.13
CA PHE D 29 8.58 5.36 -10.99
C PHE D 29 7.82 5.26 -12.30
N VAL D 30 8.57 5.22 -13.40
CA VAL D 30 7.95 4.92 -14.69
C VAL D 30 8.82 3.88 -15.38
N PRO D 31 8.26 2.73 -15.77
CA PRO D 31 9.06 1.70 -16.43
C PRO D 31 9.47 2.10 -17.83
N LYS D 32 10.16 1.23 -18.55
CA LYS D 32 10.51 1.50 -19.94
C LYS D 32 9.52 0.84 -20.89
S SO4 E . -1.80 -10.87 -21.07
O1 SO4 E . -0.99 -12.09 -21.07
O2 SO4 E . -1.28 -9.96 -22.09
O3 SO4 E . -1.72 -10.20 -19.78
O4 SO4 E . -3.18 -11.23 -21.36
S SO4 F . 9.79 18.75 4.41
O1 SO4 F . 10.31 18.69 3.04
O2 SO4 F . 10.81 19.14 5.38
O3 SO4 F . 9.26 17.42 4.75
O4 SO4 F . 8.72 19.75 4.46
S SO4 G . -15.18 -5.02 3.10
O1 SO4 G . -14.07 -5.42 2.23
O2 SO4 G . -15.34 -6.03 4.16
O3 SO4 G . -16.42 -4.96 2.33
O4 SO4 G . -14.89 -3.70 3.65
S SO4 H . 4.44 10.22 21.59
O1 SO4 H . 4.29 9.17 20.57
O2 SO4 H . 5.87 10.37 21.89
O3 SO4 H . 3.88 11.49 21.10
O4 SO4 H . 3.72 9.82 22.80
S SO4 I . -8.20 13.25 -2.82
O1 SO4 I . -8.76 12.12 -3.60
O2 SO4 I . -6.82 12.94 -2.46
O3 SO4 I . -8.17 14.46 -3.67
O4 SO4 I . -9.03 13.44 -1.62
#